data_9JCN
#
_entry.id   9JCN
#
_cell.length_a   96.345
_cell.length_b   96.345
_cell.length_c   503.003
_cell.angle_alpha   90.00
_cell.angle_beta   90.00
_cell.angle_gamma   120.00
#
_symmetry.space_group_name_H-M   'P 65 2 2'
#
_entity_poly.entity_id   1
_entity_poly.type   'polypeptide(L)'
_entity_poly.pdbx_seq_one_letter_code
;MAAPSPTTTAAAAAAATTHHRVLLPSARPRAAPSSLRLPLRAQPHAHAHAQRARLAAPVAAAAPAPAASTASPESPASGA
VAGKPTVLVAEKLGAAGLALLREFANVDCSYGLSPEDLRAKISLCDALIVRSGTKVGRDVFEASGGRLRVVGRAGVGIDN
VDLAAATEHGCLVVNAPTANTVAAAEHGIALLTAMARNIAQADASLKAGKWQRNKYVGVSLVGKTLAILGFGKVGSEVAR
RAKGLGMHVIAHDPYASADRARAIGVELVSMEEAMTTADFILLHMPLTPATDKMLNDEAFAKMKKGVRIINVARGGVIDE
EALVRALDSGVVAQAALDVFTKEPPAADNKLVLHGNVTVTPHLGASTVEAQEGVAIEIAEAVIGALK
;
_entity_poly.pdbx_strand_id   A,B
#
# COMPACT_ATOMS: atom_id res chain seq x y z
N GLY A 83 6.42 -50.13 0.40
CA GLY A 83 5.38 -49.19 0.02
C GLY A 83 5.85 -47.89 -0.62
N LYS A 84 6.17 -47.92 -1.92
CA LYS A 84 6.84 -46.79 -2.57
C LYS A 84 5.87 -46.10 -3.52
N PRO A 85 5.21 -45.01 -3.13
CA PRO A 85 4.36 -44.26 -4.09
C PRO A 85 5.18 -43.36 -5.00
N THR A 86 4.54 -42.93 -6.08
CA THR A 86 5.25 -42.21 -7.15
C THR A 86 4.47 -40.96 -7.53
N VAL A 87 5.09 -39.79 -7.30
CA VAL A 87 4.44 -38.48 -7.49
C VAL A 87 5.24 -37.65 -8.50
N LEU A 88 4.56 -37.22 -9.56
CA LEU A 88 5.16 -36.45 -10.64
C LEU A 88 4.84 -34.99 -10.36
N VAL A 89 5.87 -34.22 -10.05
CA VAL A 89 5.73 -32.79 -9.79
C VAL A 89 6.23 -32.07 -11.02
N ALA A 90 5.27 -31.48 -11.75
CA ALA A 90 5.49 -30.91 -13.06
C ALA A 90 6.16 -29.54 -13.03
N GLU A 91 5.90 -28.75 -11.99
CA GLU A 91 6.27 -27.34 -11.92
C GLU A 91 7.01 -27.08 -10.61
N LYS A 92 7.86 -26.03 -10.57
CA LYS A 92 8.71 -25.82 -9.40
C LYS A 92 7.89 -25.85 -8.12
N LEU A 93 8.56 -26.20 -7.04
CA LEU A 93 7.86 -26.37 -5.78
C LEU A 93 8.85 -26.11 -4.66
N GLY A 94 8.42 -25.33 -3.66
CA GLY A 94 9.30 -24.89 -2.59
C GLY A 94 9.99 -26.08 -1.95
N ALA A 95 11.29 -26.00 -1.68
CA ALA A 95 12.01 -27.22 -1.29
C ALA A 95 11.49 -27.78 0.03
N ALA A 96 10.83 -26.95 0.85
CA ALA A 96 10.06 -27.45 1.99
C ALA A 96 9.08 -28.53 1.54
N GLY A 97 8.23 -28.19 0.58
CA GLY A 97 7.29 -29.18 0.06
C GLY A 97 7.99 -30.40 -0.51
N LEU A 98 9.01 -30.19 -1.35
CA LEU A 98 9.67 -31.32 -1.98
C LEU A 98 10.23 -32.27 -0.94
N ALA A 99 10.78 -31.74 0.15
CA ALA A 99 11.36 -32.63 1.14
C ALA A 99 10.29 -33.37 1.93
N LEU A 100 9.13 -32.73 2.17
CA LEU A 100 8.02 -33.50 2.73
C LEU A 100 7.56 -34.59 1.80
N LEU A 101 7.51 -34.31 0.48
CA LEU A 101 7.02 -35.35 -0.42
C LEU A 101 8.05 -36.48 -0.53
N ARG A 102 9.34 -36.16 -0.49
CA ARG A 102 10.36 -37.20 -0.57
C ARG A 102 10.48 -38.04 0.70
N GLU A 103 9.78 -37.66 1.77
CA GLU A 103 9.70 -38.49 2.97
C GLU A 103 8.60 -39.54 2.82
N PHE A 104 7.56 -39.25 2.01
CA PHE A 104 6.44 -40.16 1.84
C PHE A 104 6.29 -40.67 0.41
N ALA A 105 7.18 -40.30 -0.53
CA ALA A 105 7.07 -40.89 -1.87
C ALA A 105 8.37 -40.79 -2.66
N ASN A 106 8.34 -41.44 -3.83
CA ASN A 106 9.27 -41.18 -4.91
C ASN A 106 8.77 -39.96 -5.65
N VAL A 107 9.66 -39.03 -5.92
CA VAL A 107 9.30 -37.73 -6.48
C VAL A 107 10.09 -37.53 -7.75
N ASP A 108 9.40 -37.34 -8.87
CA ASP A 108 10.05 -36.97 -10.12
C ASP A 108 9.73 -35.50 -10.36
N CYS A 109 10.77 -34.67 -10.37
CA CYS A 109 10.61 -33.26 -10.71
C CYS A 109 11.09 -33.07 -12.14
N SER A 110 10.26 -33.55 -13.07
CA SER A 110 10.55 -33.29 -14.50
C SER A 110 9.78 -32.01 -14.82
N TYR A 111 10.45 -30.85 -14.77
CA TYR A 111 9.74 -29.57 -14.94
C TYR A 111 9.54 -29.23 -16.40
N GLY A 112 8.31 -28.90 -16.78
CA GLY A 112 8.02 -28.46 -18.16
C GLY A 112 8.07 -29.50 -19.26
N LEU A 113 7.22 -30.50 -19.24
CA LEU A 113 7.17 -31.43 -20.34
C LEU A 113 6.13 -31.16 -21.41
N SER A 114 6.42 -31.64 -22.62
CA SER A 114 5.45 -31.53 -23.69
C SER A 114 4.30 -32.50 -23.42
N PRO A 115 3.06 -32.10 -23.74
CA PRO A 115 1.90 -32.95 -23.44
C PRO A 115 2.09 -34.42 -23.76
N GLU A 116 2.95 -34.74 -24.72
CA GLU A 116 3.23 -36.15 -25.00
C GLU A 116 4.09 -36.78 -23.91
N ASP A 117 5.17 -36.10 -23.49
CA ASP A 117 5.99 -36.64 -22.42
C ASP A 117 5.19 -36.81 -21.14
N LEU A 118 4.21 -35.95 -20.91
CA LEU A 118 3.43 -36.10 -19.70
C LEU A 118 2.44 -37.27 -19.84
N ARG A 119 1.81 -37.41 -21.03
CA ARG A 119 0.94 -38.56 -21.23
C ARG A 119 1.71 -39.84 -21.04
N ALA A 120 2.98 -39.86 -21.45
CA ALA A 120 3.81 -41.04 -21.27
C ALA A 120 4.08 -41.33 -19.79
N LYS A 121 4.39 -40.28 -19.01
CA LYS A 121 4.79 -40.50 -17.62
C LYS A 121 3.60 -40.87 -16.75
N ILE A 122 2.43 -40.27 -17.02
CA ILE A 122 1.30 -40.28 -16.10
C ILE A 122 0.74 -41.68 -15.86
N SER A 123 1.12 -42.64 -16.68
CA SER A 123 0.75 -44.05 -16.53
C SER A 123 1.61 -44.78 -15.49
N LEU A 124 2.66 -44.10 -14.99
CA LEU A 124 3.64 -44.64 -14.04
C LEU A 124 3.62 -43.86 -12.72
N CYS A 125 2.54 -43.11 -12.45
CA CYS A 125 2.50 -42.08 -11.43
C CYS A 125 1.24 -42.24 -10.60
N ASP A 126 1.38 -42.42 -9.29
CA ASP A 126 0.17 -42.39 -8.47
C ASP A 126 -0.37 -40.99 -8.19
N ALA A 127 0.39 -39.92 -8.42
CA ALA A 127 -0.05 -38.59 -8.03
C ALA A 127 0.67 -37.58 -8.89
N LEU A 128 -0.03 -36.50 -9.23
CA LEU A 128 0.51 -35.47 -10.12
C LEU A 128 0.28 -34.12 -9.47
N ILE A 129 1.37 -33.40 -9.14
CA ILE A 129 1.27 -32.08 -8.52
C ILE A 129 1.59 -31.00 -9.54
N VAL A 130 0.65 -30.06 -9.73
CA VAL A 130 0.80 -28.99 -10.71
C VAL A 130 0.45 -27.67 -10.07
N ARG A 131 1.10 -26.62 -10.59
CA ARG A 131 0.78 -25.25 -10.12
C ARG A 131 -0.26 -24.48 -10.93
N SER A 132 0.13 -23.95 -12.08
CA SER A 132 -0.81 -23.12 -12.88
C SER A 132 -0.58 -23.37 -14.37
N GLY A 133 0.64 -23.73 -14.75
CA GLY A 133 0.96 -23.88 -16.19
C GLY A 133 0.61 -25.23 -16.79
N THR A 134 0.75 -26.31 -16.03
CA THR A 134 0.55 -27.62 -16.65
C THR A 134 -0.92 -27.94 -16.89
N LYS A 135 -1.25 -28.42 -18.09
CA LYS A 135 -2.69 -28.61 -18.40
C LYS A 135 -3.00 -30.05 -17.98
N VAL A 136 -3.84 -30.23 -16.96
CA VAL A 136 -4.29 -31.61 -16.62
C VAL A 136 -5.55 -31.69 -17.48
N GLY A 137 -5.41 -32.13 -18.73
CA GLY A 137 -6.50 -32.11 -19.67
C GLY A 137 -7.17 -33.46 -19.49
N ARG A 138 -8.06 -33.77 -20.43
CA ARG A 138 -8.75 -35.07 -20.39
C ARG A 138 -7.83 -36.18 -20.87
N ASP A 139 -7.08 -35.91 -21.93
CA ASP A 139 -6.12 -36.86 -22.48
C ASP A 139 -5.13 -37.37 -21.44
N VAL A 140 -4.81 -36.56 -20.44
CA VAL A 140 -3.93 -37.02 -19.37
C VAL A 140 -4.62 -38.12 -18.56
N PHE A 141 -5.83 -37.85 -18.10
CA PHE A 141 -6.58 -38.86 -17.35
C PHE A 141 -6.75 -40.16 -18.11
N GLU A 142 -7.08 -40.06 -19.40
CA GLU A 142 -7.13 -41.26 -20.23
C GLU A 142 -5.78 -41.97 -20.19
N ALA A 143 -4.73 -41.26 -20.61
CA ALA A 143 -3.42 -41.85 -20.81
C ALA A 143 -2.90 -42.62 -19.60
N SER A 144 -3.33 -42.26 -18.38
CA SER A 144 -2.65 -42.86 -17.22
C SER A 144 -3.10 -44.29 -16.98
N GLY A 145 -4.23 -44.68 -17.56
CA GLY A 145 -4.77 -46.01 -17.35
C GLY A 145 -5.29 -46.30 -15.96
N GLY A 146 -5.46 -45.29 -15.11
CA GLY A 146 -6.01 -45.51 -13.79
C GLY A 146 -4.97 -45.63 -12.69
N ARG A 147 -3.68 -45.40 -12.99
CA ARG A 147 -2.72 -45.43 -11.90
C ARG A 147 -2.88 -44.19 -11.07
N LEU A 148 -3.02 -43.04 -11.75
CA LEU A 148 -3.17 -41.74 -11.11
C LEU A 148 -4.40 -41.72 -10.21
N ARG A 149 -4.15 -41.38 -8.94
CA ARG A 149 -5.12 -41.41 -7.86
C ARG A 149 -5.50 -40.02 -7.37
N VAL A 150 -4.57 -39.07 -7.46
CA VAL A 150 -4.76 -37.72 -6.96
C VAL A 150 -3.96 -36.74 -7.80
N VAL A 151 -4.58 -35.61 -8.14
CA VAL A 151 -3.90 -34.48 -8.74
C VAL A 151 -3.89 -33.33 -7.75
N GLY A 152 -2.69 -32.79 -7.50
CA GLY A 152 -2.44 -31.72 -6.56
C GLY A 152 -2.20 -30.40 -7.26
N ARG A 153 -3.09 -29.45 -6.95
CA ARG A 153 -3.04 -28.10 -7.58
C ARG A 153 -2.38 -27.12 -6.62
N ALA A 154 -1.09 -26.88 -6.80
CA ALA A 154 -0.33 -25.98 -5.95
C ALA A 154 -0.84 -24.57 -6.15
N GLY A 155 -1.69 -24.11 -5.25
CA GLY A 155 -2.23 -22.77 -5.38
C GLY A 155 -3.72 -22.77 -5.17
N VAL A 156 -4.38 -21.78 -5.77
CA VAL A 156 -5.68 -21.40 -5.26
C VAL A 156 -6.76 -22.06 -6.11
N GLY A 157 -6.79 -21.73 -7.40
CA GLY A 157 -7.81 -22.25 -8.31
C GLY A 157 -7.44 -23.61 -8.89
N ILE A 158 -8.31 -24.10 -9.79
CA ILE A 158 -8.22 -25.44 -10.38
C ILE A 158 -8.63 -25.43 -11.85
N ASP A 159 -8.58 -24.24 -12.44
CA ASP A 159 -8.96 -24.02 -13.83
C ASP A 159 -8.29 -24.98 -14.83
N ASN A 160 -7.03 -25.35 -14.59
CA ASN A 160 -6.30 -26.17 -15.57
C ASN A 160 -6.62 -27.66 -15.45
N VAL A 161 -7.13 -28.07 -14.29
CA VAL A 161 -7.46 -29.50 -14.07
C VAL A 161 -8.87 -29.77 -14.57
N ASP A 162 -9.03 -30.70 -15.51
CA ASP A 162 -10.38 -31.08 -16.00
C ASP A 162 -10.95 -31.89 -14.83
N LEU A 163 -11.53 -31.20 -13.85
CA LEU A 163 -12.13 -31.90 -12.69
C LEU A 163 -13.15 -32.85 -13.32
N ALA A 164 -13.91 -32.38 -14.31
CA ALA A 164 -14.93 -33.27 -14.83
C ALA A 164 -14.35 -34.63 -15.17
N ALA A 165 -13.19 -34.64 -15.85
CA ALA A 165 -12.58 -35.90 -16.26
C ALA A 165 -11.94 -36.64 -15.09
N ALA A 166 -11.33 -35.91 -14.15
CA ALA A 166 -10.68 -36.55 -13.02
C ALA A 166 -11.69 -37.34 -12.21
N THR A 167 -12.73 -36.66 -11.75
CA THR A 167 -13.86 -37.32 -11.10
C THR A 167 -14.29 -38.56 -11.88
N GLU A 168 -14.45 -38.42 -13.19
CA GLU A 168 -14.92 -39.49 -14.07
C GLU A 168 -13.99 -40.72 -14.00
N HIS A 169 -12.69 -40.48 -14.03
CA HIS A 169 -11.69 -41.53 -14.01
C HIS A 169 -11.30 -41.95 -12.60
N GLY A 170 -12.15 -41.65 -11.60
CA GLY A 170 -11.90 -42.01 -10.21
C GLY A 170 -10.61 -41.43 -9.67
N CYS A 171 -10.47 -40.12 -9.77
CA CYS A 171 -9.23 -39.45 -9.39
C CYS A 171 -9.56 -38.23 -8.56
N LEU A 172 -8.86 -38.08 -7.47
CA LEU A 172 -9.10 -37.00 -6.53
C LEU A 172 -8.32 -35.76 -6.91
N VAL A 173 -8.91 -34.59 -6.70
CA VAL A 173 -8.19 -33.33 -6.90
C VAL A 173 -8.09 -32.59 -5.55
N VAL A 174 -6.90 -32.04 -5.27
CA VAL A 174 -6.59 -31.35 -4.03
C VAL A 174 -5.82 -30.07 -4.35
N ASN A 175 -5.88 -29.08 -3.46
CA ASN A 175 -5.24 -27.82 -3.76
C ASN A 175 -4.65 -27.19 -2.50
N ALA A 176 -4.05 -26.01 -2.72
CA ALA A 176 -3.29 -25.27 -1.72
C ALA A 176 -3.91 -23.88 -1.54
N PRO A 177 -5.18 -23.81 -1.12
CA PRO A 177 -5.94 -22.56 -1.24
C PRO A 177 -5.53 -21.53 -0.23
N THR A 178 -5.28 -21.95 1.02
CA THR A 178 -5.24 -20.97 2.10
C THR A 178 -3.92 -20.22 2.15
N ALA A 179 -2.82 -20.91 1.86
CA ALA A 179 -1.52 -20.28 1.99
C ALA A 179 -1.34 -19.15 0.96
N ASN A 180 -1.93 -19.29 -0.23
CA ASN A 180 -1.81 -18.21 -1.20
C ASN A 180 -2.83 -17.13 -0.93
N THR A 181 -4.09 -17.53 -0.73
CA THR A 181 -5.25 -16.69 -0.39
C THR A 181 -4.85 -15.39 0.30
N VAL A 182 -4.01 -15.51 1.32
CA VAL A 182 -3.65 -14.37 2.16
C VAL A 182 -2.68 -13.45 1.44
N ALA A 183 -1.54 -13.98 1.00
CA ALA A 183 -0.57 -13.14 0.30
C ALA A 183 -1.13 -12.58 -1.01
N ALA A 184 -2.28 -13.08 -1.46
CA ALA A 184 -3.07 -12.47 -2.52
C ALA A 184 -3.77 -11.21 -2.02
N ALA A 185 -4.73 -11.40 -1.10
CA ALA A 185 -5.37 -10.25 -0.45
C ALA A 185 -4.35 -9.22 -0.01
N GLU A 186 -3.30 -9.67 0.68
CA GLU A 186 -2.20 -8.79 1.08
C GLU A 186 -1.74 -7.92 -0.08
N HIS A 187 -1.29 -8.57 -1.16
CA HIS A 187 -0.90 -7.84 -2.37
C HIS A 187 -2.02 -6.96 -2.91
N GLY A 188 -3.25 -7.47 -2.99
CA GLY A 188 -4.35 -6.61 -3.43
C GLY A 188 -4.41 -5.29 -2.68
N ILE A 189 -4.38 -5.34 -1.34
CA ILE A 189 -4.36 -4.13 -0.51
C ILE A 189 -3.19 -3.24 -0.87
N ALA A 190 -1.97 -3.80 -0.90
CA ALA A 190 -0.80 -3.02 -1.32
C ALA A 190 -0.98 -2.34 -2.67
N LEU A 191 -1.65 -2.99 -3.62
CA LEU A 191 -1.96 -2.34 -4.88
C LEU A 191 -2.91 -1.17 -4.67
N LEU A 192 -3.86 -1.33 -3.74
CA LEU A 192 -4.82 -0.27 -3.48
C LEU A 192 -4.10 0.94 -2.87
N THR A 193 -3.31 0.73 -1.82
CA THR A 193 -2.75 1.89 -1.12
C THR A 193 -1.65 2.56 -1.95
N ALA A 194 -0.94 1.77 -2.76
CA ALA A 194 0.11 2.31 -3.62
C ALA A 194 -0.47 3.08 -4.79
N MET A 195 -1.68 2.70 -5.19
CA MET A 195 -2.34 3.44 -6.29
C MET A 195 -2.92 4.73 -5.71
N ALA A 196 -3.54 4.66 -4.54
CA ALA A 196 -4.22 5.84 -4.04
C ALA A 196 -3.26 7.01 -3.92
N ARG A 197 -2.01 6.72 -3.56
CA ARG A 197 -0.98 7.71 -3.28
C ARG A 197 0.11 7.78 -4.34
N ASN A 198 -0.09 7.13 -5.48
CA ASN A 198 0.84 7.25 -6.62
C ASN A 198 2.26 6.87 -6.25
N ILE A 199 2.40 5.93 -5.31
CA ILE A 199 3.71 5.47 -4.88
C ILE A 199 4.54 5.06 -6.08
N ALA A 200 3.91 4.38 -7.05
CA ALA A 200 4.65 3.87 -8.19
C ALA A 200 5.11 4.99 -9.11
N GLN A 201 4.17 5.85 -9.54
CA GLN A 201 4.49 6.92 -10.46
C GLN A 201 5.47 7.90 -9.84
N ALA A 202 5.31 8.19 -8.54
CA ALA A 202 6.16 9.18 -7.89
C ALA A 202 7.58 8.67 -7.73
N ASP A 203 7.72 7.43 -7.26
CA ASP A 203 9.06 6.88 -7.09
C ASP A 203 9.83 6.90 -8.41
N ALA A 204 9.18 6.54 -9.51
CA ALA A 204 9.91 6.52 -10.77
C ALA A 204 10.25 7.94 -11.23
N SER A 205 9.43 8.92 -10.83
CA SER A 205 9.73 10.33 -11.19
C SER A 205 10.94 10.82 -10.39
N LEU A 206 10.90 10.67 -9.07
CA LEU A 206 12.02 11.15 -8.22
C LEU A 206 13.31 10.54 -8.78
N LYS A 207 13.35 9.22 -8.89
CA LYS A 207 14.55 8.54 -9.42
C LYS A 207 14.94 9.17 -10.75
N ALA A 208 13.97 9.72 -11.47
CA ALA A 208 14.26 10.31 -12.81
C ALA A 208 14.62 11.77 -12.63
N GLY A 209 15.11 12.16 -11.45
CA GLY A 209 15.51 13.55 -11.21
C GLY A 209 14.32 14.44 -10.98
N LYS A 210 13.17 14.13 -11.57
CA LYS A 210 12.06 15.07 -11.43
C LYS A 210 11.61 15.20 -9.96
N TRP A 211 11.42 16.44 -9.50
CA TRP A 211 10.85 16.71 -8.18
C TRP A 211 9.52 17.44 -8.43
N GLN A 212 8.40 16.71 -8.42
CA GLN A 212 7.11 17.15 -8.98
C GLN A 212 5.98 17.06 -7.97
N ARG A 213 6.26 17.44 -6.72
CA ARG A 213 5.42 17.26 -5.54
C ARG A 213 3.90 17.40 -5.74
N ASN A 214 3.49 18.19 -6.73
CA ASN A 214 2.08 18.53 -6.90
C ASN A 214 1.38 17.64 -7.91
N LYS A 215 2.14 17.06 -8.83
CA LYS A 215 1.54 16.18 -9.80
C LYS A 215 0.95 14.94 -9.13
N TYR A 216 1.48 14.56 -7.97
CA TYR A 216 1.23 13.24 -7.40
C TYR A 216 0.45 13.34 -6.09
N VAL A 217 -0.52 14.25 -6.03
CA VAL A 217 -1.44 14.29 -4.89
C VAL A 217 -2.33 13.06 -4.89
N GLY A 218 -2.42 12.38 -3.74
CA GLY A 218 -3.22 11.16 -3.63
C GLY A 218 -4.66 11.38 -3.18
N VAL A 219 -5.33 10.28 -2.85
CA VAL A 219 -6.64 10.34 -2.24
C VAL A 219 -6.65 9.61 -0.90
N SER A 220 -7.43 10.17 0.02
CA SER A 220 -7.76 9.52 1.26
C SER A 220 -8.53 8.25 0.99
N LEU A 221 -8.19 7.22 1.78
CA LEU A 221 -8.92 5.96 1.85
C LEU A 221 -10.09 5.98 2.83
N VAL A 222 -10.03 6.79 3.88
CA VAL A 222 -10.91 6.65 5.02
C VAL A 222 -12.32 7.13 4.67
N GLY A 223 -13.33 6.36 5.06
CA GLY A 223 -14.69 6.66 4.67
C GLY A 223 -15.05 6.34 3.23
N LYS A 224 -14.07 6.04 2.38
CA LYS A 224 -14.34 5.66 1.00
C LYS A 224 -15.08 4.31 0.96
N THR A 225 -15.77 4.06 -0.13
CA THR A 225 -16.49 2.80 -0.32
C THR A 225 -15.69 1.86 -1.21
N LEU A 226 -15.18 0.79 -0.62
CA LEU A 226 -14.55 -0.30 -1.33
C LEU A 226 -15.60 -1.36 -1.63
N ALA A 227 -15.83 -1.61 -2.92
CA ALA A 227 -16.70 -2.68 -3.37
C ALA A 227 -15.86 -3.88 -3.74
N ILE A 228 -16.20 -5.04 -3.17
CA ILE A 228 -15.55 -6.31 -3.48
C ILE A 228 -16.53 -7.10 -4.33
N LEU A 229 -16.17 -7.32 -5.60
CA LEU A 229 -16.91 -8.19 -6.50
C LEU A 229 -16.30 -9.59 -6.42
N GLY A 230 -17.06 -10.51 -5.85
CA GLY A 230 -16.56 -11.82 -5.53
C GLY A 230 -16.13 -11.90 -4.09
N PHE A 231 -16.99 -12.42 -3.22
CA PHE A 231 -16.69 -12.48 -1.79
C PHE A 231 -16.15 -13.85 -1.41
N GLY A 232 -15.04 -14.22 -2.05
CA GLY A 232 -14.39 -15.48 -1.81
C GLY A 232 -13.71 -15.51 -0.46
N LYS A 233 -12.73 -16.40 -0.34
CA LYS A 233 -11.82 -16.29 0.79
C LYS A 233 -10.91 -15.09 0.62
N VAL A 234 -10.44 -14.82 -0.60
CA VAL A 234 -9.58 -13.66 -0.78
C VAL A 234 -10.41 -12.40 -0.65
N GLY A 235 -11.61 -12.40 -1.25
CA GLY A 235 -12.54 -11.30 -1.10
C GLY A 235 -12.73 -10.84 0.34
N SER A 236 -13.27 -11.70 1.20
CA SER A 236 -13.42 -11.32 2.60
C SER A 236 -12.07 -10.95 3.21
N GLU A 237 -11.02 -11.68 2.85
CA GLU A 237 -9.72 -11.43 3.46
C GLU A 237 -9.22 -10.01 3.16
N VAL A 238 -9.60 -9.47 1.99
CA VAL A 238 -9.28 -8.08 1.66
C VAL A 238 -10.15 -7.12 2.46
N ALA A 239 -11.47 -7.34 2.45
CA ALA A 239 -12.36 -6.58 3.34
C ALA A 239 -11.78 -6.39 4.74
N ARG A 240 -11.29 -7.48 5.36
CA ARG A 240 -10.67 -7.36 6.67
C ARG A 240 -9.60 -6.28 6.69
N ARG A 241 -8.62 -6.37 5.79
CA ARG A 241 -7.54 -5.39 5.80
C ARG A 241 -8.08 -4.01 5.52
N ALA A 242 -9.11 -3.93 4.67
CA ALA A 242 -9.65 -2.64 4.24
C ALA A 242 -10.34 -1.89 5.39
N LYS A 243 -11.24 -2.58 6.10
CA LYS A 243 -11.89 -1.89 7.20
C LYS A 243 -10.87 -1.48 8.26
N GLY A 244 -9.72 -2.18 8.31
CA GLY A 244 -8.66 -1.81 9.23
C GLY A 244 -7.90 -0.58 8.79
N LEU A 245 -7.91 -0.29 7.49
CA LEU A 245 -7.54 1.00 6.96
C LEU A 245 -8.67 2.00 7.06
N GLY A 246 -9.82 1.53 7.50
CA GLY A 246 -10.93 2.39 7.81
C GLY A 246 -11.76 2.76 6.62
N MET A 247 -12.13 1.79 5.78
CA MET A 247 -12.98 2.06 4.63
C MET A 247 -14.36 1.49 4.88
N HIS A 248 -15.31 1.90 4.04
CA HIS A 248 -16.65 1.35 4.12
C HIS A 248 -16.74 0.27 3.06
N VAL A 249 -16.73 -0.99 3.48
CA VAL A 249 -16.59 -2.13 2.60
C VAL A 249 -17.95 -2.77 2.37
N ILE A 250 -18.40 -2.76 1.13
CA ILE A 250 -19.54 -3.56 0.70
C ILE A 250 -19.04 -4.60 -0.29
N ALA A 251 -19.81 -5.67 -0.46
CA ALA A 251 -19.49 -6.73 -1.39
C ALA A 251 -20.73 -7.17 -2.15
N HIS A 252 -20.52 -7.70 -3.35
CA HIS A 252 -21.59 -8.37 -4.10
C HIS A 252 -21.03 -9.66 -4.69
N ASP A 253 -21.54 -10.80 -4.17
CA ASP A 253 -21.32 -12.17 -4.63
C ASP A 253 -22.58 -12.91 -4.21
N PRO A 254 -23.41 -13.35 -5.15
CA PRO A 254 -24.68 -14.01 -4.76
C PRO A 254 -24.48 -15.26 -3.91
N TYR A 255 -23.31 -15.90 -4.01
CA TYR A 255 -22.97 -17.08 -3.24
C TYR A 255 -22.07 -16.72 -2.06
N ALA A 256 -22.66 -15.99 -1.11
CA ALA A 256 -21.93 -15.52 0.07
C ALA A 256 -22.88 -15.49 1.25
N SER A 257 -22.45 -16.08 2.37
CA SER A 257 -23.31 -16.15 3.54
C SER A 257 -23.48 -14.77 4.12
N ALA A 258 -24.70 -14.27 4.07
CA ALA A 258 -24.99 -12.99 4.69
C ALA A 258 -24.63 -12.97 6.18
N ASP A 259 -24.47 -14.14 6.80
CA ASP A 259 -24.01 -14.15 8.20
C ASP A 259 -22.51 -13.92 8.27
N ARG A 260 -21.72 -14.67 7.48
CA ARG A 260 -20.28 -14.37 7.39
C ARG A 260 -20.03 -12.90 7.05
N ALA A 261 -20.77 -12.39 6.08
CA ALA A 261 -20.65 -10.99 5.68
C ALA A 261 -20.87 -10.06 6.87
N ARG A 262 -22.06 -10.14 7.47
CA ARG A 262 -22.38 -9.26 8.60
C ARG A 262 -21.45 -9.53 9.76
N ALA A 263 -20.92 -10.75 9.86
CA ALA A 263 -20.05 -11.10 10.99
C ALA A 263 -18.68 -10.44 10.90
N ILE A 264 -18.26 -9.99 9.73
CA ILE A 264 -17.04 -9.23 9.59
C ILE A 264 -17.32 -7.77 9.25
N GLY A 265 -18.59 -7.38 9.24
CA GLY A 265 -18.92 -5.99 9.04
C GLY A 265 -18.98 -5.58 7.60
N VAL A 266 -19.46 -6.46 6.73
CA VAL A 266 -19.55 -6.18 5.30
C VAL A 266 -21.00 -6.36 4.90
N GLU A 267 -21.61 -5.30 4.38
CA GLU A 267 -22.94 -5.47 3.83
C GLU A 267 -22.83 -6.16 2.47
N LEU A 268 -23.78 -7.07 2.21
CA LEU A 268 -23.92 -7.69 0.91
C LEU A 268 -24.97 -6.92 0.14
N VAL A 269 -24.66 -6.53 -1.10
CA VAL A 269 -25.45 -5.52 -1.81
C VAL A 269 -25.65 -5.93 -3.26
N SER A 270 -26.59 -5.25 -3.91
CA SER A 270 -26.94 -5.56 -5.31
C SER A 270 -25.77 -5.23 -6.22
N MET A 271 -25.87 -5.68 -7.46
CA MET A 271 -24.77 -5.44 -8.37
C MET A 271 -24.73 -3.98 -8.80
N GLU A 272 -25.91 -3.39 -9.07
CA GLU A 272 -25.93 -1.98 -9.41
C GLU A 272 -25.52 -1.11 -8.23
N GLU A 273 -25.79 -1.57 -7.01
CA GLU A 273 -25.28 -0.81 -5.86
C GLU A 273 -23.76 -0.84 -5.81
N ALA A 274 -23.15 -2.01 -5.97
CA ALA A 274 -21.69 -2.10 -5.96
C ALA A 274 -21.07 -1.16 -7.00
N MET A 275 -21.72 -1.01 -8.16
CA MET A 275 -21.15 -0.22 -9.24
C MET A 275 -21.23 1.26 -8.94
N THR A 276 -22.40 1.70 -8.45
CA THR A 276 -22.68 3.12 -8.38
C THR A 276 -22.10 3.75 -7.12
N THR A 277 -22.09 3.02 -6.01
CA THR A 277 -21.74 3.57 -4.71
C THR A 277 -20.24 3.60 -4.44
N ALA A 278 -19.44 2.98 -5.28
CA ALA A 278 -18.10 2.62 -4.89
C ALA A 278 -17.12 3.70 -5.27
N ASP A 279 -16.25 4.07 -4.34
CA ASP A 279 -15.09 4.89 -4.65
C ASP A 279 -13.88 4.04 -5.04
N PHE A 280 -13.89 2.76 -4.66
CA PHE A 280 -12.91 1.77 -5.06
C PHE A 280 -13.63 0.49 -5.40
N ILE A 281 -13.16 -0.21 -6.41
CA ILE A 281 -13.68 -1.52 -6.80
C ILE A 281 -12.49 -2.45 -6.93
N LEU A 282 -12.44 -3.52 -6.14
CA LEU A 282 -11.51 -4.57 -6.48
C LEU A 282 -12.29 -5.72 -7.09
N LEU A 283 -11.59 -6.52 -7.88
CA LEU A 283 -12.15 -7.68 -8.57
C LEU A 283 -11.51 -8.90 -7.98
N HIS A 284 -12.27 -9.70 -7.24
CA HIS A 284 -11.97 -11.10 -7.01
C HIS A 284 -13.07 -11.97 -7.63
N MET A 285 -13.12 -12.02 -8.96
CA MET A 285 -14.01 -12.96 -9.66
C MET A 285 -13.28 -13.93 -10.56
N PRO A 286 -13.55 -15.23 -10.43
CA PRO A 286 -13.07 -16.19 -11.42
C PRO A 286 -13.77 -15.98 -12.76
N LEU A 287 -13.10 -16.45 -13.81
CA LEU A 287 -13.43 -16.09 -15.18
C LEU A 287 -14.33 -17.12 -15.85
N THR A 288 -15.63 -16.85 -15.90
CA THR A 288 -16.61 -17.66 -16.62
C THR A 288 -17.09 -16.91 -17.86
N PRO A 289 -17.87 -17.57 -18.72
CA PRO A 289 -18.54 -16.82 -19.80
C PRO A 289 -19.51 -15.78 -19.30
N ALA A 290 -19.92 -15.83 -18.03
CA ALA A 290 -20.67 -14.74 -17.42
C ALA A 290 -19.79 -13.56 -17.07
N THR A 291 -18.59 -13.81 -16.53
CA THR A 291 -17.72 -12.73 -16.10
C THR A 291 -16.82 -12.20 -17.22
N ASP A 292 -16.72 -12.90 -18.36
CA ASP A 292 -15.82 -12.46 -19.42
C ASP A 292 -16.17 -11.07 -19.92
N LYS A 293 -15.16 -10.18 -19.89
CA LYS A 293 -15.29 -8.79 -20.35
C LYS A 293 -16.53 -8.17 -19.74
N MET A 294 -16.76 -8.50 -18.48
CA MET A 294 -17.94 -7.95 -17.76
C MET A 294 -17.72 -6.46 -17.57
N LEU A 295 -16.55 -6.08 -17.05
CA LEU A 295 -16.23 -4.65 -16.91
C LEU A 295 -16.18 -4.05 -18.32
N ASN A 296 -17.30 -3.52 -18.79
CA ASN A 296 -17.36 -2.99 -20.18
C ASN A 296 -17.84 -1.54 -20.15
N ASP A 297 -17.82 -0.90 -21.31
CA ASP A 297 -18.33 0.47 -21.41
C ASP A 297 -19.62 0.65 -20.62
N GLU A 298 -20.58 -0.29 -20.74
CA GLU A 298 -21.81 -0.11 -19.98
C GLU A 298 -21.51 -0.11 -18.49
N ALA A 299 -20.62 -1.00 -18.04
CA ALA A 299 -20.23 -1.02 -16.65
C ALA A 299 -19.74 0.35 -16.22
N PHE A 300 -18.75 0.88 -16.95
CA PHE A 300 -18.04 2.07 -16.49
C PHE A 300 -18.96 3.27 -16.37
N ALA A 301 -19.89 3.42 -17.32
CA ALA A 301 -20.88 4.49 -17.22
C ALA A 301 -21.63 4.42 -15.89
N LYS A 302 -22.05 3.21 -15.48
CA LYS A 302 -22.80 3.06 -14.23
C LYS A 302 -21.99 3.52 -13.01
N MET A 303 -20.67 3.35 -13.04
CA MET A 303 -19.82 3.63 -11.88
C MET A 303 -19.81 5.12 -11.54
N LYS A 304 -19.41 5.39 -10.30
CA LYS A 304 -19.18 6.76 -9.84
C LYS A 304 -17.92 7.29 -10.49
N LYS A 305 -17.98 8.54 -11.01
CA LYS A 305 -16.81 9.15 -11.66
C LYS A 305 -15.68 9.27 -10.66
N GLY A 306 -14.48 8.92 -11.09
CA GLY A 306 -13.32 8.93 -10.22
C GLY A 306 -13.17 7.67 -9.39
N VAL A 307 -13.80 6.58 -9.81
CA VAL A 307 -13.61 5.29 -9.18
C VAL A 307 -12.24 4.77 -9.54
N ARG A 308 -11.64 3.99 -8.64
CA ARG A 308 -10.35 3.38 -8.88
C ARG A 308 -10.52 1.88 -8.78
N ILE A 309 -9.91 1.13 -9.69
CA ILE A 309 -10.20 -0.30 -9.84
C ILE A 309 -8.93 -1.11 -9.66
N ILE A 310 -9.02 -2.12 -8.78
CA ILE A 310 -7.89 -2.96 -8.45
C ILE A 310 -8.24 -4.36 -8.86
N ASN A 311 -7.61 -4.88 -9.91
CA ASN A 311 -7.87 -6.30 -10.31
C ASN A 311 -6.72 -7.19 -9.87
N VAL A 312 -7.04 -8.26 -9.16
CA VAL A 312 -6.01 -9.21 -8.67
C VAL A 312 -6.52 -10.63 -8.97
N ALA A 313 -7.75 -10.73 -9.46
CA ALA A 313 -8.36 -12.05 -9.76
C ALA A 313 -8.06 -12.72 -11.10
N ARG A 314 -8.53 -12.12 -12.19
CA ARG A 314 -8.26 -12.69 -13.53
C ARG A 314 -8.46 -11.50 -14.47
N GLY A 315 -7.58 -11.37 -15.45
CA GLY A 315 -7.78 -10.32 -16.46
C GLY A 315 -8.80 -10.82 -17.46
N GLY A 316 -9.20 -10.00 -18.42
CA GLY A 316 -10.27 -10.43 -19.33
C GLY A 316 -11.63 -10.12 -18.73
N VAL A 317 -11.83 -10.45 -17.45
CA VAL A 317 -13.10 -10.04 -16.80
C VAL A 317 -13.28 -8.55 -17.10
N ILE A 318 -12.19 -7.88 -17.46
CA ILE A 318 -12.22 -6.47 -17.79
C ILE A 318 -11.96 -6.33 -19.29
N ASP A 319 -12.82 -5.58 -19.98
CA ASP A 319 -12.59 -5.21 -21.38
C ASP A 319 -11.46 -4.19 -21.37
N GLU A 320 -10.23 -4.65 -21.61
CA GLU A 320 -9.04 -3.78 -21.55
C GLU A 320 -9.23 -2.50 -22.35
N GLU A 321 -9.55 -2.64 -23.64
CA GLU A 321 -9.88 -1.48 -24.48
C GLU A 321 -10.79 -0.47 -23.79
N ALA A 322 -11.82 -0.95 -23.09
CA ALA A 322 -12.80 -0.07 -22.46
C ALA A 322 -12.26 0.53 -21.18
N LEU A 323 -11.50 -0.23 -20.41
CA LEU A 323 -10.83 0.34 -19.24
C LEU A 323 -9.93 1.48 -19.67
N VAL A 324 -9.13 1.27 -20.73
CA VAL A 324 -8.28 2.34 -21.23
C VAL A 324 -9.11 3.54 -21.64
N ARG A 325 -10.22 3.31 -22.35
CA ARG A 325 -10.99 4.48 -22.79
C ARG A 325 -11.69 5.17 -21.63
N ALA A 326 -11.86 4.47 -20.48
CA ALA A 326 -12.48 5.06 -19.29
C ALA A 326 -11.48 5.79 -18.39
N LEU A 327 -10.20 5.43 -18.50
CA LEU A 327 -9.13 6.15 -17.83
C LEU A 327 -8.81 7.41 -18.62
N ASP A 328 -8.75 7.28 -19.96
CA ASP A 328 -8.42 8.43 -20.79
C ASP A 328 -9.55 9.45 -20.74
N SER A 329 -10.77 9.03 -20.41
CA SER A 329 -11.90 9.95 -20.32
C SER A 329 -12.10 10.44 -18.90
N GLY A 330 -11.42 9.82 -17.95
CA GLY A 330 -11.51 10.21 -16.57
C GLY A 330 -12.67 9.62 -15.81
N VAL A 331 -13.42 8.68 -16.40
CA VAL A 331 -14.43 8.00 -15.62
C VAL A 331 -13.76 7.21 -14.53
N VAL A 332 -12.92 6.26 -14.95
CA VAL A 332 -11.99 5.59 -14.04
C VAL A 332 -10.82 6.54 -13.76
N ALA A 333 -10.66 6.88 -12.48
CA ALA A 333 -9.56 7.68 -11.98
C ALA A 333 -8.21 7.03 -12.27
N GLN A 334 -7.97 5.87 -11.67
CA GLN A 334 -6.76 5.11 -11.96
C GLN A 334 -6.99 3.63 -11.61
N ALA A 335 -6.13 2.76 -12.15
CA ALA A 335 -6.34 1.31 -12.10
C ALA A 335 -5.07 0.59 -11.67
N ALA A 336 -5.20 -0.35 -10.75
CA ALA A 336 -4.07 -1.14 -10.26
C ALA A 336 -4.35 -2.59 -10.64
N LEU A 337 -3.57 -3.10 -11.59
CA LEU A 337 -3.80 -4.38 -12.25
C LEU A 337 -2.60 -5.28 -11.99
N ASP A 338 -2.84 -6.43 -11.34
CA ASP A 338 -1.92 -7.56 -11.19
C ASP A 338 -2.05 -8.65 -12.28
N VAL A 339 -3.26 -8.98 -12.69
CA VAL A 339 -3.50 -9.96 -13.72
C VAL A 339 -3.84 -9.28 -15.03
N PHE A 340 -3.60 -9.99 -16.14
CA PHE A 340 -3.86 -9.47 -17.46
C PHE A 340 -4.61 -10.52 -18.27
N THR A 341 -5.11 -10.09 -19.44
CA THR A 341 -5.76 -11.01 -20.37
C THR A 341 -4.75 -11.89 -21.08
N LYS A 342 -3.48 -11.50 -21.06
CA LYS A 342 -2.44 -12.26 -21.71
C LYS A 342 -1.15 -11.98 -20.97
N GLU A 343 -0.60 -12.97 -20.29
CA GLU A 343 0.64 -12.77 -19.55
C GLU A 343 1.75 -13.59 -20.20
N PRO A 344 2.88 -12.97 -20.60
CA PRO A 344 3.18 -11.52 -20.56
C PRO A 344 2.37 -10.74 -21.57
N PRO A 345 1.94 -9.54 -21.17
CA PRO A 345 1.09 -8.73 -22.05
C PRO A 345 1.85 -8.27 -23.26
N ALA A 346 1.09 -7.79 -24.24
CA ALA A 346 1.70 -7.23 -25.43
C ALA A 346 2.62 -6.07 -25.07
N ALA A 347 3.74 -5.97 -25.79
CA ALA A 347 4.74 -4.94 -25.52
C ALA A 347 4.21 -3.51 -25.72
N ASP A 348 3.09 -3.35 -26.43
CA ASP A 348 2.49 -2.04 -26.71
C ASP A 348 1.22 -1.82 -25.89
N ASN A 349 0.95 -2.69 -24.94
CA ASN A 349 -0.37 -2.78 -24.35
C ASN A 349 -0.69 -1.50 -23.58
N LYS A 350 -1.83 -0.91 -23.90
CA LYS A 350 -2.11 0.45 -23.44
C LYS A 350 -2.38 0.50 -21.93
N LEU A 351 -3.02 -0.51 -21.35
CA LEU A 351 -3.10 -0.55 -19.89
C LEU A 351 -1.73 -0.62 -19.24
N VAL A 352 -0.88 -1.53 -19.69
CA VAL A 352 0.40 -1.69 -19.01
C VAL A 352 1.16 -0.38 -19.02
N LEU A 353 1.17 0.30 -20.18
CA LEU A 353 1.96 1.51 -20.35
C LEU A 353 1.26 2.78 -19.89
N HIS A 354 0.01 2.70 -19.45
CA HIS A 354 -0.78 3.89 -19.18
C HIS A 354 -0.27 4.60 -17.92
N GLY A 355 -0.51 5.91 -17.88
CA GLY A 355 0.03 6.71 -16.79
C GLY A 355 -0.66 6.44 -15.46
N ASN A 356 -1.98 6.35 -15.47
CA ASN A 356 -2.75 6.15 -14.25
C ASN A 356 -2.88 4.68 -13.85
N VAL A 357 -2.16 3.77 -14.48
CA VAL A 357 -2.28 2.36 -14.15
C VAL A 357 -1.03 1.90 -13.44
N THR A 358 -1.22 1.27 -12.30
CA THR A 358 -0.15 0.54 -11.63
C THR A 358 -0.29 -0.92 -11.95
N VAL A 359 0.78 -1.50 -12.47
CA VAL A 359 0.79 -2.87 -12.98
C VAL A 359 1.85 -3.67 -12.26
N THR A 360 1.51 -4.90 -11.91
CA THR A 360 2.53 -5.84 -11.46
C THR A 360 2.38 -7.13 -12.25
N PRO A 361 3.47 -7.89 -12.45
CA PRO A 361 3.40 -9.11 -13.28
C PRO A 361 2.90 -10.35 -12.51
N HIS A 362 1.60 -10.38 -12.25
CA HIS A 362 0.90 -11.51 -11.61
C HIS A 362 1.69 -11.99 -10.40
N LEU A 363 2.07 -11.02 -9.57
CA LEU A 363 2.84 -11.17 -8.34
C LEU A 363 1.95 -11.53 -7.16
N GLY A 364 0.65 -11.78 -7.42
CA GLY A 364 -0.33 -11.88 -6.36
C GLY A 364 0.10 -12.78 -5.22
N ALA A 365 0.66 -13.94 -5.54
CA ALA A 365 1.07 -14.89 -4.52
C ALA A 365 2.57 -14.91 -4.29
N SER A 366 3.32 -13.93 -4.78
CA SER A 366 4.78 -14.01 -4.69
C SER A 366 5.31 -13.45 -3.37
N THR A 367 4.84 -13.96 -2.23
CA THR A 367 5.53 -13.72 -0.97
C THR A 367 6.20 -15.00 -0.51
N VAL A 368 7.47 -14.86 -0.12
CA VAL A 368 8.26 -15.94 0.47
C VAL A 368 7.50 -16.81 1.46
N GLU A 369 6.60 -16.23 2.24
CA GLU A 369 5.77 -17.01 3.15
C GLU A 369 4.78 -17.87 2.37
N ALA A 370 4.03 -17.25 1.47
CA ALA A 370 3.02 -18.00 0.72
C ALA A 370 3.65 -18.99 -0.24
N GLN A 371 4.93 -18.83 -0.57
CA GLN A 371 5.57 -19.82 -1.42
C GLN A 371 5.90 -21.08 -0.65
N GLU A 372 6.85 -21.00 0.28
CA GLU A 372 7.07 -22.13 1.18
C GLU A 372 5.78 -22.69 1.79
N GLY A 373 4.76 -21.86 1.99
CA GLY A 373 3.56 -22.34 2.65
C GLY A 373 2.65 -23.14 1.76
N VAL A 374 2.67 -22.86 0.46
CA VAL A 374 1.88 -23.63 -0.50
C VAL A 374 2.57 -24.93 -0.84
N ALA A 375 3.90 -24.92 -0.94
CA ALA A 375 4.64 -26.19 -1.07
C ALA A 375 4.17 -27.19 -0.02
N ILE A 376 4.28 -26.81 1.27
CA ILE A 376 3.92 -27.68 2.38
C ILE A 376 2.41 -27.97 2.42
N GLU A 377 1.60 -27.18 1.73
CA GLU A 377 0.17 -27.42 1.80
C GLU A 377 -0.22 -28.59 0.91
N ILE A 378 0.01 -28.50 -0.41
CA ILE A 378 -0.25 -29.63 -1.32
C ILE A 378 0.51 -30.86 -0.90
N ALA A 379 1.74 -30.69 -0.43
CA ALA A 379 2.50 -31.84 0.04
C ALA A 379 1.66 -32.65 1.03
N GLU A 380 1.23 -31.99 2.11
CA GLU A 380 0.30 -32.59 3.07
C GLU A 380 -1.00 -33.02 2.40
N ALA A 381 -1.46 -32.25 1.40
CA ALA A 381 -2.75 -32.53 0.77
C ALA A 381 -2.67 -33.76 -0.10
N VAL A 382 -1.58 -33.90 -0.84
CA VAL A 382 -1.36 -35.07 -1.68
C VAL A 382 -1.12 -36.30 -0.81
N ILE A 383 -0.22 -36.17 0.17
CA ILE A 383 0.13 -37.29 1.04
C ILE A 383 -1.11 -37.84 1.74
N GLY A 384 -1.95 -36.96 2.28
CA GLY A 384 -3.17 -37.42 2.94
C GLY A 384 -4.12 -38.15 2.02
N ALA A 385 -4.35 -37.60 0.82
CA ALA A 385 -5.12 -38.32 -0.19
C ALA A 385 -4.50 -39.67 -0.47
N LEU A 386 -3.19 -39.67 -0.73
CA LEU A 386 -2.48 -40.88 -1.13
C LEU A 386 -2.64 -41.99 -0.09
N LYS A 387 -2.66 -41.64 1.20
CA LYS A 387 -3.09 -42.59 2.24
C LYS A 387 -4.53 -42.99 1.91
N GLY B 83 -16.46 45.61 11.90
CA GLY B 83 -15.32 44.84 12.40
C GLY B 83 -14.70 44.03 11.28
N LYS B 84 -13.62 44.53 10.72
CA LYS B 84 -13.02 43.97 9.52
C LYS B 84 -11.64 43.47 9.85
N PRO B 85 -11.49 42.32 10.54
CA PRO B 85 -10.15 41.85 10.88
C PRO B 85 -9.37 41.52 9.61
N THR B 86 -8.05 41.59 9.70
CA THR B 86 -7.17 41.49 8.54
C THR B 86 -6.24 40.31 8.67
N VAL B 87 -6.33 39.36 7.72
CA VAL B 87 -5.59 38.11 7.78
C VAL B 87 -4.73 37.95 6.53
N LEU B 88 -3.41 37.86 6.72
CA LEU B 88 -2.47 37.72 5.64
C LEU B 88 -2.20 36.24 5.48
N VAL B 89 -2.43 35.72 4.29
CA VAL B 89 -2.24 34.30 3.98
C VAL B 89 -1.05 34.21 3.03
N ALA B 90 0.08 33.76 3.57
CA ALA B 90 1.37 33.88 2.92
C ALA B 90 1.64 32.80 1.89
N GLU B 91 0.96 31.65 2.00
CA GLU B 91 1.22 30.44 1.23
C GLU B 91 -0.11 29.83 0.80
N LYS B 92 -0.10 29.10 -0.34
CA LYS B 92 -1.34 28.65 -1.00
C LYS B 92 -2.27 27.95 -0.01
N LEU B 93 -3.57 28.17 -0.19
CA LEU B 93 -4.49 27.67 0.81
C LEU B 93 -5.80 27.21 0.17
N GLY B 94 -6.41 26.21 0.78
CA GLY B 94 -7.51 25.49 0.14
C GLY B 94 -8.76 26.33 0.03
N ALA B 95 -9.25 26.59 -1.19
CA ALA B 95 -10.34 27.51 -1.39
C ALA B 95 -11.52 27.24 -0.47
N ALA B 96 -11.67 26.02 0.04
CA ALA B 96 -12.66 25.78 1.07
C ALA B 96 -12.47 26.71 2.26
N GLY B 97 -11.23 26.82 2.73
CA GLY B 97 -10.97 27.63 3.91
C GLY B 97 -10.91 29.11 3.58
N LEU B 98 -10.18 29.47 2.51
CA LEU B 98 -10.17 30.88 2.08
C LEU B 98 -11.59 31.44 2.01
N ALA B 99 -12.58 30.60 1.71
CA ALA B 99 -13.95 31.10 1.70
C ALA B 99 -14.57 31.20 3.09
N LEU B 100 -13.96 30.53 4.06
CA LEU B 100 -14.43 30.72 5.45
C LEU B 100 -13.79 32.01 5.95
N LEU B 101 -12.48 32.18 5.70
CA LEU B 101 -11.84 33.38 6.19
C LEU B 101 -12.52 34.60 5.58
N ARG B 102 -12.64 34.62 4.26
CA ARG B 102 -13.33 35.74 3.63
C ARG B 102 -14.72 36.03 4.19
N GLU B 103 -15.33 35.11 4.91
CA GLU B 103 -16.59 35.44 5.55
C GLU B 103 -16.40 36.09 6.91
N PHE B 104 -15.21 36.04 7.50
CA PHE B 104 -14.94 36.62 8.82
C PHE B 104 -13.79 37.58 8.83
N ALA B 105 -13.14 37.84 7.71
CA ALA B 105 -12.02 38.78 7.73
C ALA B 105 -11.75 39.37 6.36
N ASN B 106 -10.80 40.30 6.34
CA ASN B 106 -10.10 40.71 5.14
C ASN B 106 -8.94 39.77 4.94
N VAL B 107 -8.79 39.27 3.72
CA VAL B 107 -7.82 38.23 3.43
C VAL B 107 -6.88 38.79 2.40
N ASP B 108 -5.60 38.90 2.76
CA ASP B 108 -4.58 39.25 1.79
C ASP B 108 -3.88 37.95 1.42
N CYS B 109 -3.90 37.57 0.15
CA CYS B 109 -3.17 36.40 -0.29
C CYS B 109 -2.02 36.85 -1.18
N SER B 110 -1.11 37.59 -0.58
CA SER B 110 0.18 37.74 -1.21
C SER B 110 1.00 36.52 -0.86
N TYR B 111 1.59 35.94 -1.89
CA TYR B 111 2.01 34.56 -1.86
C TYR B 111 3.51 34.57 -2.09
N GLY B 112 4.27 34.08 -1.13
CA GLY B 112 5.72 34.15 -1.25
C GLY B 112 6.56 35.41 -1.21
N LEU B 113 6.30 36.24 -0.19
CA LEU B 113 6.97 37.52 -0.06
C LEU B 113 8.37 37.51 0.53
N SER B 114 9.21 38.43 0.08
CA SER B 114 10.56 38.46 0.62
C SER B 114 10.49 38.93 2.07
N PRO B 115 11.39 38.45 2.92
CA PRO B 115 11.33 38.84 4.33
C PRO B 115 10.93 40.31 4.51
N GLU B 116 11.49 41.24 3.71
CA GLU B 116 11.04 42.64 3.77
C GLU B 116 9.60 43.02 3.38
N ASP B 117 9.06 42.47 2.29
CA ASP B 117 7.63 42.64 1.98
C ASP B 117 6.78 42.22 3.17
N LEU B 118 7.10 41.07 3.74
CA LEU B 118 6.26 40.55 4.80
C LEU B 118 6.33 41.49 5.97
N ARG B 119 7.57 41.82 6.39
CA ARG B 119 7.79 42.73 7.52
C ARG B 119 6.99 44.01 7.32
N ALA B 120 6.95 44.52 6.08
CA ALA B 120 6.18 45.73 5.79
C ALA B 120 4.68 45.49 5.95
N LYS B 121 4.19 44.27 5.74
CA LYS B 121 2.75 44.04 5.76
C LYS B 121 2.28 43.79 7.18
N ILE B 122 3.10 43.10 7.99
CA ILE B 122 2.61 42.46 9.20
C ILE B 122 2.21 43.47 10.26
N SER B 123 2.67 44.72 10.10
CA SER B 123 2.30 45.84 10.96
C SER B 123 0.81 46.17 10.83
N LEU B 124 0.17 45.65 9.77
CA LEU B 124 -1.22 45.95 9.43
C LEU B 124 -2.10 44.70 9.43
N CYS B 125 -1.68 43.62 10.10
CA CYS B 125 -2.38 42.34 10.08
C CYS B 125 -2.75 41.91 11.48
N ASP B 126 -4.02 41.59 11.69
CA ASP B 126 -4.38 40.96 12.94
C ASP B 126 -4.04 39.49 13.01
N ALA B 127 -3.81 38.84 11.87
CA ALA B 127 -3.36 37.45 11.91
C ALA B 127 -2.66 37.08 10.62
N LEU B 128 -1.74 36.13 10.77
CA LEU B 128 -0.90 35.62 9.69
C LEU B 128 -1.18 34.12 9.59
N ILE B 129 -1.31 33.60 8.38
CA ILE B 129 -1.41 32.15 8.18
C ILE B 129 -0.27 31.69 7.27
N VAL B 130 0.47 30.68 7.71
CA VAL B 130 1.58 30.15 6.94
C VAL B 130 1.47 28.64 6.92
N ARG B 131 2.07 28.06 5.89
CA ARG B 131 2.16 26.59 5.82
C ARG B 131 3.54 26.11 6.28
N SER B 132 4.57 26.21 5.43
CA SER B 132 5.88 25.64 5.82
C SER B 132 7.00 26.57 5.34
N GLY B 133 6.92 27.08 4.12
CA GLY B 133 8.01 27.89 3.56
C GLY B 133 8.25 29.19 4.31
N THR B 134 7.19 29.81 4.82
CA THR B 134 7.35 31.10 5.47
C THR B 134 8.00 30.97 6.84
N LYS B 135 8.99 31.80 7.08
CA LYS B 135 9.80 31.67 8.27
C LYS B 135 9.29 32.80 9.16
N VAL B 136 8.33 32.49 10.03
CA VAL B 136 7.82 33.49 10.96
C VAL B 136 8.82 33.64 12.07
N GLY B 137 9.81 34.51 11.83
CA GLY B 137 10.95 34.65 12.72
C GLY B 137 10.67 35.66 13.79
N ARG B 138 11.70 35.94 14.59
CA ARG B 138 11.56 36.95 15.63
C ARG B 138 11.29 38.32 15.02
N ASP B 139 12.00 38.65 13.94
CA ASP B 139 11.85 39.95 13.30
C ASP B 139 10.45 40.17 12.81
N VAL B 140 9.68 39.11 12.59
CA VAL B 140 8.35 39.28 12.03
C VAL B 140 7.39 39.76 13.10
N PHE B 141 7.55 39.23 14.32
CA PHE B 141 6.81 39.75 15.46
C PHE B 141 7.24 41.15 15.82
N GLU B 142 8.55 41.39 15.79
CA GLU B 142 9.10 42.69 16.17
C GLU B 142 8.52 43.75 15.26
N ALA B 143 8.44 43.44 13.96
CA ALA B 143 8.07 44.37 12.91
C ALA B 143 6.58 44.69 12.89
N SER B 144 5.75 43.90 13.59
CA SER B 144 4.31 44.12 13.47
C SER B 144 3.88 45.26 14.36
N GLY B 145 4.61 45.48 15.45
CA GLY B 145 4.28 46.48 16.42
C GLY B 145 3.05 46.20 17.24
N GLY B 146 2.77 44.93 17.55
CA GLY B 146 1.70 44.58 18.45
C GLY B 146 0.30 44.45 17.86
N ARG B 147 0.15 44.62 16.54
CA ARG B 147 -1.17 44.35 15.97
C ARG B 147 -1.39 42.85 15.79
N LEU B 148 -0.36 42.15 15.30
CA LEU B 148 -0.45 40.71 15.05
C LEU B 148 -0.76 39.94 16.33
N ARG B 149 -1.93 39.32 16.35
CA ARG B 149 -2.51 38.65 17.51
C ARG B 149 -2.25 37.17 17.49
N VAL B 150 -2.51 36.52 16.35
CA VAL B 150 -2.50 35.07 16.23
C VAL B 150 -1.83 34.69 14.92
N VAL B 151 -0.91 33.74 14.99
CA VAL B 151 -0.31 33.14 13.81
C VAL B 151 -0.92 31.75 13.60
N GLY B 152 -1.38 31.50 12.38
CA GLY B 152 -1.97 30.24 12.04
C GLY B 152 -1.02 29.44 11.18
N ARG B 153 -0.61 28.31 11.72
CA ARG B 153 0.26 27.40 11.00
C ARG B 153 -0.66 26.36 10.42
N ALA B 154 -0.88 26.42 9.10
CA ALA B 154 -1.59 25.36 8.39
C ALA B 154 -0.75 24.09 8.41
N GLY B 155 -1.27 23.05 9.04
CA GLY B 155 -0.59 21.77 8.96
C GLY B 155 -0.23 21.23 10.32
N VAL B 156 0.83 20.41 10.37
CA VAL B 156 1.09 19.65 11.58
C VAL B 156 2.22 20.31 12.35
N GLY B 157 3.41 20.41 11.74
CA GLY B 157 4.56 20.96 12.41
C GLY B 157 4.45 22.46 12.59
N ILE B 158 5.34 23.01 13.43
CA ILE B 158 5.34 24.48 13.71
C ILE B 158 6.79 24.95 13.71
N ASP B 159 7.72 24.04 13.45
CA ASP B 159 9.17 24.36 13.48
C ASP B 159 9.42 25.81 13.06
N ASN B 160 8.83 26.25 11.94
CA ASN B 160 9.17 27.59 11.45
C ASN B 160 8.71 28.85 12.19
N VAL B 161 7.63 28.80 12.96
CA VAL B 161 7.26 29.92 13.82
C VAL B 161 8.23 29.99 14.99
N ASP B 162 8.90 31.15 15.12
CA ASP B 162 9.70 31.40 16.33
C ASP B 162 8.59 31.36 17.37
N LEU B 163 8.62 30.41 18.30
CA LEU B 163 7.36 30.10 18.93
C LEU B 163 7.43 30.85 20.25
N ALA B 164 8.64 31.08 20.74
CA ALA B 164 8.88 31.84 21.96
C ALA B 164 8.78 33.34 21.75
N ALA B 165 9.22 33.85 20.61
CA ALA B 165 8.96 35.25 20.32
C ALA B 165 7.46 35.49 20.27
N ALA B 166 6.74 34.50 19.72
CA ALA B 166 5.33 34.65 19.37
C ALA B 166 4.52 35.10 20.54
N THR B 167 4.74 34.47 21.68
CA THR B 167 3.91 34.72 22.83
C THR B 167 4.57 35.75 23.72
N GLU B 168 5.89 35.96 23.53
CA GLU B 168 6.58 37.07 24.20
C GLU B 168 5.99 38.38 23.77
N HIS B 169 5.65 38.48 22.49
CA HIS B 169 5.00 39.64 21.97
C HIS B 169 3.49 39.49 22.07
N GLY B 170 3.05 38.43 22.74
CA GLY B 170 1.60 38.26 22.96
C GLY B 170 0.89 37.87 21.69
N CYS B 171 1.46 36.94 20.94
CA CYS B 171 0.76 36.45 19.72
C CYS B 171 0.50 34.96 19.86
N LEU B 172 -0.78 34.57 19.86
CA LEU B 172 -1.15 33.14 19.95
C LEU B 172 -0.67 32.43 18.69
N VAL B 173 -0.35 31.14 18.78
CA VAL B 173 0.03 30.39 17.56
C VAL B 173 -0.80 29.10 17.52
N VAL B 174 -1.57 28.91 16.45
CA VAL B 174 -2.44 27.73 16.35
C VAL B 174 -2.21 26.99 15.01
N ASN B 175 -2.45 25.66 15.03
CA ASN B 175 -2.07 24.79 13.91
C ASN B 175 -3.26 23.98 13.41
N ALA B 176 -2.99 23.14 12.40
CA ALA B 176 -4.01 22.38 11.67
C ALA B 176 -3.62 20.90 11.61
N PRO B 177 -3.52 20.26 12.76
CA PRO B 177 -2.81 18.97 12.82
C PRO B 177 -3.68 17.82 12.35
N THR B 178 -4.95 17.78 12.76
CA THR B 178 -5.70 16.53 12.69
C THR B 178 -6.04 16.15 11.25
N ALA B 179 -6.20 17.12 10.36
CA ALA B 179 -6.52 16.81 8.98
C ALA B 179 -5.34 16.13 8.27
N ASN B 180 -4.15 16.73 8.37
CA ASN B 180 -2.95 16.18 7.75
C ASN B 180 -2.47 14.93 8.44
N THR B 181 -2.80 14.78 9.73
CA THR B 181 -2.35 13.62 10.51
C THR B 181 -2.89 12.31 9.92
N VAL B 182 -4.20 12.23 9.69
CA VAL B 182 -4.81 11.08 9.04
C VAL B 182 -4.04 10.79 7.76
N ALA B 183 -4.11 11.69 6.79
CA ALA B 183 -3.54 11.45 5.48
C ALA B 183 -2.03 11.24 5.49
N ALA B 184 -1.38 11.38 6.64
CA ALA B 184 0.06 11.22 6.73
C ALA B 184 0.45 9.84 7.21
N ALA B 185 -0.34 9.25 8.12
CA ALA B 185 -0.24 7.83 8.43
C ALA B 185 -0.78 7.01 7.27
N GLU B 186 -1.85 7.49 6.64
CA GLU B 186 -2.34 6.86 5.44
C GLU B 186 -1.19 6.66 4.48
N HIS B 187 -0.38 7.70 4.30
CA HIS B 187 0.75 7.60 3.38
C HIS B 187 1.88 6.73 3.94
N GLY B 188 2.05 6.63 5.25
CA GLY B 188 3.07 5.73 5.73
C GLY B 188 2.76 4.28 5.43
N ILE B 189 1.54 3.85 5.80
CA ILE B 189 1.01 2.53 5.48
C ILE B 189 1.13 2.25 3.98
N ALA B 190 0.73 3.22 3.14
CA ALA B 190 0.91 3.03 1.70
C ALA B 190 2.38 2.84 1.32
N LEU B 191 3.29 3.48 2.05
CA LEU B 191 4.71 3.23 1.82
C LEU B 191 5.14 1.85 2.31
N LEU B 192 4.54 1.37 3.40
CA LEU B 192 4.97 0.11 3.97
C LEU B 192 4.56 -1.05 3.06
N THR B 193 3.28 -1.08 2.65
CA THR B 193 2.78 -2.19 1.85
C THR B 193 3.44 -2.22 0.48
N ALA B 194 3.55 -1.05 -0.17
CA ALA B 194 4.17 -0.97 -1.49
C ALA B 194 5.65 -1.32 -1.47
N MET B 195 6.33 -0.99 -0.38
CA MET B 195 7.67 -1.48 -0.12
C MET B 195 7.69 -3.01 -0.06
N ALA B 196 6.77 -3.57 0.72
CA ALA B 196 6.87 -4.97 1.10
C ALA B 196 6.71 -5.88 -0.12
N ARG B 197 5.90 -5.49 -1.10
CA ARG B 197 5.69 -6.29 -2.30
C ARG B 197 6.43 -5.82 -3.54
N ASN B 198 7.08 -4.65 -3.50
CA ASN B 198 7.86 -4.11 -4.62
C ASN B 198 6.96 -3.57 -5.70
N ILE B 199 5.78 -3.08 -5.30
CA ILE B 199 4.85 -2.42 -6.20
C ILE B 199 5.57 -1.44 -7.12
N ALA B 200 6.56 -0.73 -6.58
CA ALA B 200 7.17 0.39 -7.30
C ALA B 200 8.14 -0.11 -8.35
N GLN B 201 9.10 -0.93 -7.94
CA GLN B 201 10.06 -1.48 -8.88
C GLN B 201 9.35 -2.31 -9.95
N ALA B 202 8.40 -3.14 -9.53
CA ALA B 202 7.71 -4.01 -10.47
C ALA B 202 6.96 -3.22 -11.52
N ASP B 203 6.18 -2.21 -11.10
CA ASP B 203 5.44 -1.40 -12.05
C ASP B 203 6.38 -0.74 -13.06
N ALA B 204 7.56 -0.34 -12.60
CA ALA B 204 8.55 0.21 -13.50
C ALA B 204 9.11 -0.87 -14.41
N SER B 205 9.38 -2.06 -13.84
CA SER B 205 9.92 -3.17 -14.62
C SER B 205 8.98 -3.61 -15.74
N LEU B 206 7.68 -3.58 -15.50
CA LEU B 206 6.73 -4.08 -16.49
C LEU B 206 6.39 -3.00 -17.52
N LYS B 207 6.30 -1.73 -17.07
CA LYS B 207 6.15 -0.64 -18.02
C LYS B 207 7.35 -0.53 -18.93
N ALA B 208 8.50 -1.02 -18.48
CA ALA B 208 9.69 -1.06 -19.32
C ALA B 208 9.80 -2.35 -20.10
N GLY B 209 8.68 -3.02 -20.34
CA GLY B 209 8.68 -4.18 -21.20
C GLY B 209 9.17 -5.45 -20.53
N LYS B 210 10.13 -5.32 -19.62
CA LYS B 210 10.59 -6.47 -18.85
C LYS B 210 9.42 -7.15 -18.14
N TRP B 211 9.43 -8.48 -18.14
CA TRP B 211 8.48 -9.27 -17.37
C TRP B 211 9.33 -10.22 -16.51
N GLN B 212 9.54 -9.86 -15.25
CA GLN B 212 10.57 -10.47 -14.40
C GLN B 212 9.95 -10.99 -13.11
N ARG B 213 8.96 -11.87 -13.24
CA ARG B 213 8.18 -12.32 -12.08
C ARG B 213 9.04 -12.76 -10.89
N ASN B 214 10.20 -13.36 -11.16
CA ASN B 214 10.97 -13.86 -10.04
C ASN B 214 11.77 -12.79 -9.35
N LYS B 215 12.01 -11.67 -10.02
CA LYS B 215 12.86 -10.66 -9.41
C LYS B 215 12.13 -9.94 -8.27
N TYR B 216 10.80 -9.95 -8.22
CA TYR B 216 10.06 -9.03 -7.36
C TYR B 216 9.18 -9.72 -6.34
N VAL B 217 9.65 -10.83 -5.79
CA VAL B 217 8.91 -11.55 -4.75
C VAL B 217 9.02 -10.78 -3.44
N GLY B 218 7.87 -10.52 -2.79
CA GLY B 218 7.84 -9.69 -1.60
C GLY B 218 7.73 -10.47 -0.27
N VAL B 219 7.62 -9.72 0.83
CA VAL B 219 7.37 -10.33 2.13
C VAL B 219 5.88 -10.22 2.46
N SER B 220 5.46 -11.03 3.39
CA SER B 220 4.20 -10.82 4.07
C SER B 220 4.33 -9.81 5.18
N LEU B 221 3.14 -9.38 5.66
CA LEU B 221 2.99 -8.51 6.79
C LEU B 221 2.42 -9.20 8.02
N VAL B 222 1.49 -10.14 7.87
CA VAL B 222 0.89 -10.76 9.05
C VAL B 222 1.97 -11.31 9.99
N GLY B 223 1.78 -11.10 11.31
CA GLY B 223 2.71 -11.59 12.32
C GLY B 223 4.03 -10.85 12.44
N LYS B 224 4.42 -10.16 11.37
CA LYS B 224 5.60 -9.29 11.38
C LYS B 224 5.51 -8.22 12.46
N THR B 225 6.56 -8.06 13.23
CA THR B 225 6.62 -7.01 14.22
C THR B 225 7.01 -5.70 13.57
N LEU B 226 6.10 -4.75 13.67
CA LEU B 226 6.30 -3.35 13.29
C LEU B 226 6.66 -2.51 14.52
N ALA B 227 7.77 -1.77 14.41
CA ALA B 227 8.21 -0.86 15.45
C ALA B 227 7.98 0.58 15.01
N ILE B 228 7.32 1.35 15.87
CA ILE B 228 7.00 2.76 15.65
C ILE B 228 7.84 3.59 16.60
N LEU B 229 8.68 4.45 16.06
CA LEU B 229 9.46 5.38 16.88
C LEU B 229 8.75 6.73 16.94
N GLY B 230 8.18 7.02 18.09
CA GLY B 230 7.59 8.32 18.37
C GLY B 230 6.08 8.29 18.26
N PHE B 231 5.40 7.92 19.33
CA PHE B 231 3.99 7.53 19.26
C PHE B 231 3.07 8.77 19.24
N GLY B 232 3.20 9.58 18.17
CA GLY B 232 2.36 10.75 17.94
C GLY B 232 0.98 10.30 17.53
N LYS B 233 0.08 11.25 17.27
CA LYS B 233 -1.14 10.93 16.53
C LYS B 233 -0.98 10.11 15.26
N VAL B 234 0.01 10.47 14.43
CA VAL B 234 0.31 9.69 13.25
C VAL B 234 0.89 8.34 13.64
N GLY B 235 1.84 8.33 14.55
CA GLY B 235 2.38 7.08 15.06
C GLY B 235 1.31 6.13 15.58
N SER B 236 0.28 6.65 16.26
CA SER B 236 -0.76 5.75 16.79
C SER B 236 -1.84 5.50 15.77
N GLU B 237 -2.06 6.45 14.89
CA GLU B 237 -2.99 6.22 13.79
C GLU B 237 -2.41 5.16 12.86
N VAL B 238 -1.12 5.27 12.52
CA VAL B 238 -0.40 4.18 11.81
C VAL B 238 -0.61 2.84 12.49
N ALA B 239 -0.24 2.74 13.76
CA ALA B 239 -0.41 1.47 14.47
C ALA B 239 -1.79 0.89 14.20
N ARG B 240 -2.83 1.69 14.40
CA ARG B 240 -4.19 1.20 14.23
C ARG B 240 -4.40 0.56 12.85
N ARG B 241 -3.78 1.15 11.82
CA ARG B 241 -3.88 0.61 10.47
C ARG B 241 -3.05 -0.66 10.36
N ALA B 242 -1.85 -0.67 10.95
CA ALA B 242 -0.97 -1.82 10.86
C ALA B 242 -1.49 -3.04 11.64
N LYS B 243 -2.20 -2.84 12.75
CA LYS B 243 -2.85 -3.97 13.40
C LYS B 243 -4.06 -4.44 12.64
N GLY B 244 -4.70 -3.56 11.87
CA GLY B 244 -5.72 -3.99 10.93
C GLY B 244 -5.18 -4.84 9.79
N LEU B 245 -3.93 -4.58 9.38
CA LEU B 245 -3.30 -5.46 8.42
C LEU B 245 -2.84 -6.76 9.06
N GLY B 246 -3.06 -6.87 10.37
CA GLY B 246 -2.69 -8.06 11.08
C GLY B 246 -1.23 -8.14 11.45
N MET B 247 -0.64 -7.02 11.85
CA MET B 247 0.73 -7.10 12.33
C MET B 247 0.75 -7.06 13.85
N HIS B 248 1.90 -7.44 14.40
CA HIS B 248 2.22 -7.13 15.77
C HIS B 248 2.87 -5.76 15.77
N VAL B 249 2.29 -4.83 16.52
CA VAL B 249 2.72 -3.44 16.50
C VAL B 249 3.19 -3.05 17.90
N ILE B 250 4.45 -2.58 18.01
CA ILE B 250 5.06 -2.06 19.23
C ILE B 250 5.51 -0.62 18.99
N ALA B 251 5.74 0.13 20.08
CA ALA B 251 6.15 1.53 19.99
C ALA B 251 7.08 1.94 21.16
N HIS B 252 8.06 2.82 20.86
CA HIS B 252 8.92 3.45 21.86
C HIS B 252 8.90 4.97 21.74
N ASP B 253 8.59 5.66 22.85
CA ASP B 253 8.49 7.11 22.97
C ASP B 253 8.30 7.41 24.46
N PRO B 254 9.34 7.88 25.16
CA PRO B 254 9.23 8.04 26.63
C PRO B 254 8.03 8.86 27.07
N TYR B 255 7.51 9.69 26.18
CA TYR B 255 6.29 10.46 26.41
C TYR B 255 5.14 9.78 25.67
N ALA B 256 4.59 8.74 26.29
CA ALA B 256 3.46 8.06 25.69
C ALA B 256 2.62 7.38 26.76
N SER B 257 1.32 7.68 26.77
CA SER B 257 0.40 7.16 27.78
C SER B 257 0.18 5.65 27.65
N ALA B 258 0.88 4.89 28.51
CA ALA B 258 0.75 3.44 28.62
C ALA B 258 -0.72 3.01 28.47
N ASP B 259 -1.67 3.74 29.09
CA ASP B 259 -3.08 3.41 28.89
C ASP B 259 -3.66 3.57 27.50
N ARG B 260 -3.43 4.71 26.84
CA ARG B 260 -3.81 4.88 25.43
C ARG B 260 -3.20 3.81 24.53
N ALA B 261 -1.92 3.49 24.76
CA ALA B 261 -1.27 2.47 23.95
C ALA B 261 -1.92 1.11 24.16
N ARG B 262 -2.06 0.71 25.43
CA ARG B 262 -2.68 -0.58 25.72
C ARG B 262 -4.14 -0.64 25.23
N ALA B 263 -4.77 0.51 25.00
CA ALA B 263 -6.17 0.56 24.62
C ALA B 263 -6.40 0.49 23.13
N ILE B 264 -5.36 0.63 22.32
CA ILE B 264 -5.42 0.26 20.92
C ILE B 264 -4.69 -1.04 20.65
N GLY B 265 -4.00 -1.59 21.65
CA GLY B 265 -3.30 -2.84 21.49
C GLY B 265 -1.88 -2.61 21.02
N VAL B 266 -1.15 -1.72 21.70
CA VAL B 266 0.24 -1.48 21.38
C VAL B 266 1.05 -1.55 22.66
N GLU B 267 1.99 -2.48 22.73
CA GLU B 267 2.89 -2.50 23.87
C GLU B 267 3.92 -1.38 23.74
N LEU B 268 4.10 -0.60 24.80
CA LEU B 268 5.19 0.36 24.81
C LEU B 268 6.47 -0.40 25.19
N VAL B 269 7.53 -0.25 24.40
CA VAL B 269 8.74 -1.05 24.60
C VAL B 269 9.97 -0.15 24.68
N SER B 270 11.09 -0.77 25.08
CA SER B 270 12.36 -0.08 25.22
C SER B 270 12.95 0.24 23.86
N MET B 271 13.93 1.15 23.85
CA MET B 271 14.54 1.57 22.60
C MET B 271 15.46 0.50 22.04
N GLU B 272 16.07 -0.32 22.88
CA GLU B 272 16.82 -1.43 22.31
C GLU B 272 15.91 -2.58 21.90
N GLU B 273 14.79 -2.79 22.59
CA GLU B 273 13.85 -3.85 22.18
C GLU B 273 13.21 -3.53 20.84
N ALA B 274 12.83 -2.27 20.63
CA ALA B 274 12.27 -1.87 19.35
C ALA B 274 13.26 -2.06 18.21
N MET B 275 14.54 -1.69 18.41
CA MET B 275 15.53 -1.85 17.35
C MET B 275 15.72 -3.31 16.99
N THR B 276 15.91 -4.16 17.98
CA THR B 276 16.24 -5.56 17.72
C THR B 276 15.06 -6.29 17.11
N THR B 277 13.97 -6.45 17.87
CA THR B 277 12.90 -7.40 17.56
C THR B 277 12.02 -7.03 16.34
N ALA B 278 12.29 -5.98 15.58
CA ALA B 278 11.34 -5.53 14.58
C ALA B 278 11.66 -6.10 13.21
N ASP B 279 10.60 -6.51 12.50
CA ASP B 279 10.72 -6.75 11.07
C ASP B 279 10.53 -5.49 10.26
N PHE B 280 9.72 -4.54 10.75
CA PHE B 280 9.49 -3.25 10.12
C PHE B 280 9.62 -2.15 11.15
N ILE B 281 10.18 -1.02 10.74
CA ILE B 281 10.42 0.13 11.62
C ILE B 281 9.96 1.37 10.87
N LEU B 282 9.03 2.13 11.45
CA LEU B 282 8.72 3.41 10.88
C LEU B 282 9.24 4.53 11.79
N LEU B 283 9.54 5.66 11.17
CA LEU B 283 10.04 6.85 11.83
C LEU B 283 8.91 7.87 11.86
N HIS B 284 8.37 8.10 13.04
CA HIS B 284 7.53 9.27 13.30
C HIS B 284 8.11 10.05 14.48
N MET B 285 9.32 10.60 14.29
CA MET B 285 9.93 11.43 15.32
C MET B 285 10.20 12.85 14.84
N PRO B 286 10.03 13.85 15.71
CA PRO B 286 10.49 15.19 15.38
C PRO B 286 12.01 15.25 15.36
N LEU B 287 12.52 16.16 14.55
CA LEU B 287 13.95 16.33 14.35
C LEU B 287 14.43 17.35 15.38
N THR B 288 14.95 16.83 16.50
CA THR B 288 15.62 17.57 17.57
C THR B 288 17.11 17.21 17.61
N PRO B 289 17.92 17.92 18.42
CA PRO B 289 19.33 17.50 18.58
C PRO B 289 19.49 16.07 19.09
N ALA B 290 18.57 15.56 19.90
CA ALA B 290 18.65 14.18 20.41
C ALA B 290 18.30 13.13 19.36
N THR B 291 17.50 13.49 18.35
CA THR B 291 17.12 12.56 17.30
C THR B 291 18.00 12.67 16.04
N ASP B 292 18.87 13.68 15.92
CA ASP B 292 19.59 13.88 14.67
C ASP B 292 20.57 12.75 14.42
N LYS B 293 20.58 12.26 13.17
CA LYS B 293 21.45 11.18 12.70
C LYS B 293 21.36 9.97 13.63
N MET B 294 20.17 9.80 14.22
CA MET B 294 19.90 8.73 15.17
C MET B 294 20.15 7.36 14.55
N LEU B 295 19.48 7.09 13.43
CA LEU B 295 19.71 5.85 12.71
C LEU B 295 21.06 6.01 12.01
N ASN B 296 22.11 5.80 12.78
CA ASN B 296 23.47 5.71 12.31
C ASN B 296 23.97 4.29 12.52
N ASP B 297 25.25 4.10 12.22
CA ASP B 297 25.84 2.78 12.03
C ASP B 297 25.69 1.89 13.26
N GLU B 298 25.54 2.49 14.44
CA GLU B 298 25.33 1.70 15.68
C GLU B 298 23.92 1.16 15.76
N ALA B 299 22.93 1.94 15.33
CA ALA B 299 21.54 1.50 15.37
C ALA B 299 21.28 0.38 14.38
N PHE B 300 21.90 0.45 13.18
CA PHE B 300 21.69 -0.56 12.15
C PHE B 300 22.32 -1.89 12.53
N ALA B 301 23.36 -1.86 13.36
CA ALA B 301 23.94 -3.10 13.85
C ALA B 301 23.00 -3.81 14.82
N LYS B 302 22.37 -3.04 15.73
CA LYS B 302 21.47 -3.65 16.71
C LYS B 302 20.25 -4.30 16.05
N MET B 303 19.83 -3.80 14.89
CA MET B 303 18.62 -4.28 14.25
C MET B 303 18.74 -5.75 13.86
N LYS B 304 17.57 -6.36 13.70
CA LYS B 304 17.48 -7.61 12.97
C LYS B 304 17.96 -7.44 11.54
N LYS B 305 18.67 -8.43 11.03
CA LYS B 305 18.87 -8.45 9.59
C LYS B 305 17.52 -8.74 8.93
N GLY B 306 17.37 -8.27 7.70
CA GLY B 306 16.10 -8.36 7.02
C GLY B 306 15.05 -7.40 7.50
N VAL B 307 15.44 -6.29 8.10
CA VAL B 307 14.49 -5.31 8.58
C VAL B 307 14.27 -4.27 7.50
N ARG B 308 13.05 -3.74 7.47
CA ARG B 308 12.61 -2.76 6.48
C ARG B 308 12.13 -1.51 7.21
N ILE B 309 12.43 -0.36 6.62
CA ILE B 309 12.35 0.89 7.36
C ILE B 309 11.62 1.94 6.52
N ILE B 310 10.74 2.70 7.18
CA ILE B 310 9.87 3.67 6.51
C ILE B 310 9.96 5.00 7.25
N ASN B 311 10.37 6.05 6.55
CA ASN B 311 10.57 7.39 7.12
C ASN B 311 9.55 8.35 6.56
N VAL B 312 8.62 8.78 7.42
CA VAL B 312 7.54 9.70 6.97
C VAL B 312 7.52 10.93 7.88
N ALA B 313 8.41 10.96 8.87
CA ALA B 313 8.45 12.10 9.81
C ALA B 313 9.38 13.18 9.28
N ARG B 314 10.69 13.02 9.50
CA ARG B 314 11.68 14.01 8.99
C ARG B 314 12.94 13.27 8.56
N GLY B 315 13.49 13.62 7.39
CA GLY B 315 14.74 13.02 7.00
C GLY B 315 15.87 13.51 7.86
N GLY B 316 17.02 12.89 7.68
CA GLY B 316 18.16 13.32 8.49
C GLY B 316 18.08 12.87 9.94
N VAL B 317 16.87 12.58 10.46
CA VAL B 317 16.74 11.71 11.63
C VAL B 317 17.37 10.35 11.30
N ILE B 318 17.53 10.05 10.01
CA ILE B 318 18.39 8.98 9.53
C ILE B 318 19.73 9.58 9.12
N ASP B 319 20.80 8.84 9.38
CA ASP B 319 22.09 9.10 8.74
C ASP B 319 22.08 8.56 7.33
N GLU B 320 21.90 9.46 6.35
CA GLU B 320 21.66 9.00 4.98
C GLU B 320 22.81 8.14 4.48
N GLU B 321 24.06 8.56 4.71
CA GLU B 321 25.17 7.73 4.24
C GLU B 321 25.17 6.36 4.92
N ALA B 322 24.73 6.30 6.18
CA ALA B 322 24.73 5.05 6.94
C ALA B 322 23.64 4.08 6.48
N LEU B 323 22.49 4.60 6.05
CA LEU B 323 21.47 3.74 5.45
C LEU B 323 21.89 3.25 4.08
N VAL B 324 22.68 4.06 3.34
CA VAL B 324 23.18 3.60 2.05
C VAL B 324 24.10 2.39 2.25
N ARG B 325 24.78 2.34 3.39
CA ARG B 325 25.72 1.24 3.62
C ARG B 325 25.01 0.00 4.16
N ALA B 326 23.94 0.17 4.95
CA ALA B 326 23.20 -0.97 5.51
C ALA B 326 22.33 -1.65 4.45
N LEU B 327 21.85 -0.91 3.46
CA LEU B 327 21.11 -1.52 2.35
C LEU B 327 22.08 -2.23 1.41
N ASP B 328 23.26 -1.64 1.18
CA ASP B 328 24.29 -2.23 0.35
C ASP B 328 24.82 -3.53 0.93
N SER B 329 24.72 -3.70 2.25
CA SER B 329 25.14 -4.94 2.87
C SER B 329 24.02 -5.98 2.96
N GLY B 330 22.78 -5.54 3.16
CA GLY B 330 21.72 -6.44 3.50
C GLY B 330 21.40 -6.50 4.97
N VAL B 331 21.88 -5.53 5.75
CA VAL B 331 21.29 -5.31 7.07
C VAL B 331 19.85 -4.86 6.92
N VAL B 332 19.63 -3.73 6.24
CA VAL B 332 18.29 -3.28 5.90
C VAL B 332 17.96 -3.83 4.52
N ALA B 333 16.84 -4.53 4.42
CA ALA B 333 16.47 -5.19 3.18
C ALA B 333 15.94 -4.21 2.16
N GLN B 334 15.05 -3.31 2.58
CA GLN B 334 14.57 -2.24 1.72
C GLN B 334 14.00 -1.12 2.57
N ALA B 335 13.95 0.08 1.98
CA ALA B 335 13.68 1.33 2.70
C ALA B 335 12.69 2.18 1.91
N ALA B 336 11.74 2.80 2.64
CA ALA B 336 10.64 3.58 2.07
C ALA B 336 10.73 4.97 2.65
N LEU B 337 11.03 5.96 1.81
CA LEU B 337 11.42 7.29 2.28
C LEU B 337 10.60 8.40 1.64
N ASP B 338 9.71 9.01 2.44
CA ASP B 338 8.95 10.19 2.02
C ASP B 338 9.74 11.48 2.21
N VAL B 339 10.33 11.66 3.40
CA VAL B 339 11.07 12.87 3.76
C VAL B 339 12.57 12.64 3.58
N PHE B 340 13.32 13.74 3.47
CA PHE B 340 14.75 13.69 3.21
C PHE B 340 15.45 14.70 4.08
N THR B 341 16.77 14.55 4.16
CA THR B 341 17.60 15.59 4.78
C THR B 341 17.59 16.87 3.97
N LYS B 342 17.33 16.77 2.67
CA LYS B 342 17.26 17.92 1.78
C LYS B 342 16.13 17.69 0.76
N GLU B 343 15.20 18.65 0.70
CA GLU B 343 14.16 18.67 -0.32
C GLU B 343 14.33 19.90 -1.20
N PRO B 344 14.65 19.76 -2.51
CA PRO B 344 14.86 18.51 -3.29
C PRO B 344 16.15 17.84 -2.93
N PRO B 345 16.17 16.51 -2.81
CA PRO B 345 17.44 15.82 -2.59
C PRO B 345 18.42 16.02 -3.74
N ALA B 346 19.68 15.68 -3.51
CA ALA B 346 20.69 15.82 -4.54
C ALA B 346 20.28 15.04 -5.78
N ALA B 347 20.69 15.54 -6.94
CA ALA B 347 20.32 14.81 -8.15
C ALA B 347 21.15 13.54 -8.37
N ASP B 348 22.17 13.30 -7.53
CA ASP B 348 22.93 12.04 -7.52
C ASP B 348 22.71 11.25 -6.24
N ASN B 349 21.80 11.71 -5.37
CA ASN B 349 21.77 11.30 -3.98
C ASN B 349 21.38 9.83 -3.90
N LYS B 350 22.18 9.03 -3.19
CA LYS B 350 22.26 7.60 -3.47
C LYS B 350 21.02 6.86 -3.00
N LEU B 351 20.46 7.25 -1.85
CA LEU B 351 19.22 6.61 -1.42
C LEU B 351 18.11 6.78 -2.45
N VAL B 352 17.88 8.01 -2.91
CA VAL B 352 16.82 8.23 -3.88
C VAL B 352 17.02 7.34 -5.09
N LEU B 353 18.28 7.14 -5.50
CA LEU B 353 18.56 6.39 -6.71
C LEU B 353 18.67 4.87 -6.48
N HIS B 354 18.57 4.41 -5.23
CA HIS B 354 18.94 3.04 -4.89
C HIS B 354 17.84 2.07 -5.30
N GLY B 355 18.25 0.80 -5.47
CA GLY B 355 17.33 -0.21 -5.97
C GLY B 355 16.25 -0.61 -4.98
N ASN B 356 16.64 -0.85 -3.72
CA ASN B 356 15.71 -1.29 -2.69
C ASN B 356 15.07 -0.13 -1.94
N VAL B 357 14.88 1.01 -2.57
CA VAL B 357 14.29 2.14 -1.86
C VAL B 357 13.04 2.56 -2.62
N THR B 358 12.02 2.93 -1.87
CA THR B 358 10.81 3.49 -2.45
C THR B 358 10.68 4.90 -1.90
N VAL B 359 10.91 5.88 -2.77
CA VAL B 359 10.96 7.29 -2.42
C VAL B 359 9.78 8.02 -3.04
N THR B 360 9.08 8.80 -2.23
CA THR B 360 8.08 9.76 -2.68
C THR B 360 8.49 11.14 -2.17
N PRO B 361 8.15 12.23 -2.93
CA PRO B 361 8.72 13.57 -2.62
C PRO B 361 7.92 14.34 -1.58
N HIS B 362 8.09 13.96 -0.33
CA HIS B 362 7.40 14.59 0.79
C HIS B 362 5.92 14.81 0.43
N LEU B 363 5.27 13.67 0.23
CA LEU B 363 3.87 13.58 -0.18
C LEU B 363 2.96 13.28 0.98
N GLY B 364 3.51 13.24 2.19
CA GLY B 364 2.81 12.62 3.32
C GLY B 364 1.41 13.16 3.54
N ALA B 365 1.22 14.47 3.37
CA ALA B 365 -0.08 15.08 3.56
C ALA B 365 -0.72 15.50 2.25
N SER B 366 -0.20 15.01 1.14
CA SER B 366 -0.67 15.34 -0.21
C SER B 366 -1.93 14.56 -0.61
N THR B 367 -2.97 14.51 0.21
CA THR B 367 -4.22 13.97 -0.27
C THR B 367 -5.24 15.08 -0.34
N VAL B 368 -5.91 15.19 -1.49
CA VAL B 368 -6.89 16.30 -1.69
C VAL B 368 -7.71 16.49 -0.41
N GLU B 369 -8.12 15.38 0.20
CA GLU B 369 -9.02 15.49 1.39
C GLU B 369 -8.34 16.30 2.50
N ALA B 370 -7.08 15.99 2.82
CA ALA B 370 -6.39 16.76 3.86
C ALA B 370 -6.16 18.19 3.41
N GLN B 371 -5.66 18.38 2.19
CA GLN B 371 -5.53 19.73 1.65
C GLN B 371 -6.78 20.57 1.93
N GLU B 372 -7.96 20.05 1.59
CA GLU B 372 -9.14 20.84 1.86
C GLU B 372 -9.52 20.86 3.34
N GLY B 373 -9.12 19.86 4.10
CA GLY B 373 -9.47 19.86 5.52
C GLY B 373 -8.53 20.63 6.42
N VAL B 374 -7.29 20.81 5.95
CA VAL B 374 -6.34 21.65 6.65
C VAL B 374 -6.70 23.11 6.42
N ALA B 375 -7.03 23.45 5.18
CA ALA B 375 -7.59 24.76 4.91
C ALA B 375 -8.71 25.06 5.88
N ILE B 376 -9.69 24.17 6.00
CA ILE B 376 -10.81 24.51 6.86
C ILE B 376 -10.40 24.51 8.32
N GLU B 377 -9.30 23.85 8.68
CA GLU B 377 -8.98 23.71 10.09
C GLU B 377 -8.38 25.00 10.66
N ILE B 378 -7.24 25.46 10.10
CA ILE B 378 -6.69 26.76 10.52
C ILE B 378 -7.72 27.86 10.30
N ALA B 379 -8.45 27.78 9.20
CA ALA B 379 -9.60 28.67 9.02
C ALA B 379 -10.38 28.78 10.32
N GLU B 380 -10.93 27.67 10.79
CA GLU B 380 -11.74 27.76 11.99
C GLU B 380 -10.88 28.09 13.20
N ALA B 381 -9.58 27.79 13.14
CA ALA B 381 -8.66 27.99 14.25
C ALA B 381 -8.32 29.45 14.40
N VAL B 382 -7.79 30.05 13.33
CA VAL B 382 -7.54 31.49 13.30
C VAL B 382 -8.79 32.23 13.72
N ILE B 383 -9.92 31.94 13.07
CA ILE B 383 -11.12 32.72 13.31
C ILE B 383 -11.57 32.65 14.77
N GLY B 384 -11.29 31.55 15.46
CA GLY B 384 -11.74 31.42 16.84
C GLY B 384 -10.81 32.08 17.83
N ALA B 385 -9.52 32.07 17.54
CA ALA B 385 -8.58 32.95 18.23
C ALA B 385 -8.99 34.41 18.13
N LEU B 386 -9.19 34.87 16.90
CA LEU B 386 -9.36 36.28 16.63
C LEU B 386 -10.52 36.85 17.44
N LYS B 387 -11.68 36.19 17.41
CA LYS B 387 -12.82 36.54 18.27
C LYS B 387 -12.41 36.80 19.74
#